data_5VII
#
_entry.id   5VII
#
_cell.length_a   54.582
_cell.length_b   87.362
_cell.length_c   122.596
_cell.angle_alpha   90.00
_cell.angle_beta   90.00
_cell.angle_gamma   90.00
#
_symmetry.space_group_name_H-M   'P 21 21 21'
#
loop_
_entity.id
_entity.type
_entity.pdbx_description
1 polymer 'Glutamate receptor ionotropic, NMDA 1'
2 polymer 'Glutamate receptor ionotropic, NMDA 2A'
3 non-polymer GLYCINE
4 non-polymer '5-[(2R)-2-amino-2-carboxyethyl]-1-[4-(3-fluoropropyl)phenyl]-1H-pyrazole-3-carboxylic acid'
5 non-polymer DI(HYDROXYETHYL)ETHER
6 non-polymer 2-AMINO-2-HYDROXYMETHYL-PROPANE-1,3-DIOL
7 water water
#
loop_
_entity_poly.entity_id
_entity_poly.type
_entity_poly.pdbx_seq_one_letter_code
_entity_poly.pdbx_strand_id
1 'polypeptide(L)'
;GMSTRLKIVTIHQEPFVYVKPTMSDGTCKEEFTVNGDPVKKVICTGPNDTSPGSPRHTVPQCCYGFCIDLLIKLARTMNF
TYEVHLVADGKFGTQERVNNSNKKEWNGMMGELLSGQADMIVAPLTINNERAQYIEFSKPFKYQGLTILVKKGTRITGIN
DPRLRNPSDKFIYATVKQSSVDIYFRRQVELSTMYRHMEKHNYESAAEAIQAVRDNKLHAFIWDSAVLEFEASQKCDLVT
TGELFFRSGFGIGMRKDSPWKQNVSLSILKSHENGFMEDLDKTWVRYQECDS
;
A
2 'polypeptide(L)'
;SDDNHLSIVTLEEAPFVIVEDIDPLTETCVRNTVPCRKFVKINNSTNEGMNVKKCCKGFCIDILKKLSRTVKFTYDLYLV
TNGKHGKKVNNVWNGMIGEVVYQRAVMAVGSLTINEERSEVVDFSVPFVETGISVMVSRGTQVTGLSDKKFQRPHDYSPP
FRFGTVPNGSTERNIRNNYPYMHQYMTRFNQRGVEDALVSLKTGKLDAFIYDAAVLNYKAGRDEGCKLVTIGSGYIFATT
GYGIALQKGSPWKRQIDLALLQFVGDGEMEELETLWLTGICHN
;
B
#
loop_
_chem_comp.id
_chem_comp.type
_chem_comp.name
_chem_comp.formula
5DY non-polymer '5-[(2R)-2-amino-2-carboxyethyl]-1-[4-(3-fluoropropyl)phenyl]-1H-pyrazole-3-carboxylic acid' 'C16 H18 F N3 O4'
PEG non-polymer DI(HYDROXYETHYL)ETHER 'C4 H10 O3'
TRS non-polymer 2-AMINO-2-HYDROXYMETHYL-PROPANE-1,3-DIOL 'C4 H12 N O3 1'
#
# COMPACT_ATOMS: atom_id res chain seq x y z
N ARG A 5 -8.04 -17.88 -22.97
CA ARG A 5 -9.06 -16.97 -22.44
C ARG A 5 -9.21 -17.10 -20.90
N LEU A 6 -8.64 -16.12 -20.20
CA LEU A 6 -8.66 -16.11 -18.75
C LEU A 6 -10.09 -15.93 -18.23
N LYS A 7 -10.45 -16.73 -17.22
CA LYS A 7 -11.72 -16.57 -16.52
C LYS A 7 -11.49 -15.63 -15.33
N ILE A 8 -12.08 -14.44 -15.40
CA ILE A 8 -11.95 -13.41 -14.38
C ILE A 8 -13.24 -13.40 -13.57
N VAL A 9 -13.12 -13.57 -12.26
CA VAL A 9 -14.24 -13.38 -11.35
C VAL A 9 -14.11 -12.02 -10.66
N THR A 10 -15.24 -11.38 -10.43
CA THR A 10 -15.24 -10.10 -9.72
C THR A 10 -16.50 -10.02 -8.88
N ILE A 11 -16.76 -8.86 -8.30
CA ILE A 11 -17.84 -8.71 -7.34
C ILE A 11 -18.35 -7.27 -7.42
N HIS A 12 -19.67 -7.11 -7.27
CA HIS A 12 -20.26 -5.78 -7.19
C HIS A 12 -19.71 -5.03 -5.99
N GLN A 13 -19.05 -3.89 -6.26
CA GLN A 13 -18.51 -3.07 -5.19
C GLN A 13 -18.11 -1.69 -5.70
N GLU A 14 -19.09 -0.78 -5.75
CA GLU A 14 -18.82 0.58 -6.16
C GLU A 14 -17.90 1.25 -5.14
N PRO A 15 -16.96 2.09 -5.59
CA PRO A 15 -16.79 2.47 -6.99
C PRO A 15 -15.86 1.58 -7.80
N PHE A 16 -15.53 0.38 -7.29
CA PHE A 16 -14.54 -0.42 -7.98
C PHE A 16 -15.15 -1.26 -9.08
N VAL A 17 -16.40 -1.69 -8.91
CA VAL A 17 -17.12 -2.47 -9.91
C VAL A 17 -18.60 -2.07 -9.86
N TYR A 18 -19.07 -1.41 -10.91
CA TYR A 18 -20.48 -1.16 -11.10
C TYR A 18 -21.06 -2.30 -11.94
N VAL A 19 -22.32 -2.65 -11.68
CA VAL A 19 -23.00 -3.73 -12.40
C VAL A 19 -24.35 -3.20 -12.87
N LYS A 20 -24.49 -3.05 -14.19
CA LYS A 20 -25.66 -2.41 -14.79
C LYS A 20 -26.28 -3.30 -15.84
N PRO A 21 -27.61 -3.20 -16.02
CA PRO A 21 -28.28 -3.93 -17.10
C PRO A 21 -27.73 -3.56 -18.47
N THR A 22 -27.64 -4.56 -19.35
CA THR A 22 -27.33 -4.31 -20.75
C THR A 22 -28.52 -3.64 -21.43
N MET A 23 -28.26 -3.06 -22.60
CA MET A 23 -29.35 -2.59 -23.44
C MET A 23 -30.05 -3.77 -24.11
N SER A 24 -31.20 -3.47 -24.73
CA SER A 24 -32.09 -4.53 -25.20
C SER A 24 -31.38 -5.50 -26.14
N ASP A 25 -30.46 -5.00 -26.95
CA ASP A 25 -29.67 -5.82 -27.85
C ASP A 25 -28.45 -6.44 -27.19
N GLY A 26 -28.45 -6.54 -25.85
CA GLY A 26 -27.38 -7.17 -25.11
C GLY A 26 -26.07 -6.41 -25.08
N THR A 27 -26.01 -5.20 -25.62
CA THR A 27 -24.81 -4.39 -25.55
C THR A 27 -24.95 -3.38 -24.40
N CYS A 28 -23.90 -2.56 -24.22
CA CYS A 28 -23.76 -1.70 -23.07
C CYS A 28 -23.87 -0.23 -23.48
N LYS A 29 -24.52 0.56 -22.62
CA LYS A 29 -24.73 1.99 -22.85
C LYS A 29 -23.39 2.73 -22.97
N GLU A 30 -23.21 3.46 -24.07
CA GLU A 30 -21.95 4.18 -24.27
C GLU A 30 -22.00 5.51 -23.52
N GLU A 31 -21.05 5.69 -22.60
CA GLU A 31 -20.97 6.88 -21.76
C GLU A 31 -19.55 7.44 -21.78
N PHE A 32 -19.46 8.72 -21.45
CA PHE A 32 -18.20 9.40 -21.20
C PHE A 32 -18.23 9.97 -19.80
N THR A 33 -17.04 10.19 -19.25
CA THR A 33 -16.95 10.86 -17.97
C THR A 33 -17.19 12.36 -18.15
N VAL A 34 -17.53 13.01 -17.03
CA VAL A 34 -17.73 14.46 -17.03
C VAL A 34 -16.55 15.20 -17.65
N ASN A 35 -15.35 14.61 -17.59
CA ASN A 35 -14.13 15.23 -18.12
C ASN A 35 -13.78 14.75 -19.52
N GLY A 36 -14.66 14.01 -20.18
CA GLY A 36 -14.50 13.71 -21.60
C GLY A 36 -13.76 12.42 -21.92
N ASP A 37 -13.60 11.53 -20.95
CA ASP A 37 -12.94 10.26 -21.21
C ASP A 37 -13.97 9.17 -21.38
N PRO A 38 -13.74 8.20 -22.27
CA PRO A 38 -14.73 7.14 -22.49
C PRO A 38 -14.81 6.21 -21.28
N VAL A 39 -16.03 5.77 -20.95
CA VAL A 39 -16.25 4.87 -19.83
C VAL A 39 -16.21 3.45 -20.38
N LYS A 40 -15.08 2.77 -20.22
CA LYS A 40 -14.93 1.44 -20.81
C LYS A 40 -15.79 0.43 -20.07
N LYS A 41 -16.60 -0.31 -20.81
CA LYS A 41 -17.51 -1.29 -20.23
C LYS A 41 -17.22 -2.67 -20.81
N VAL A 42 -17.34 -3.69 -19.96
CA VAL A 42 -17.19 -5.08 -20.36
C VAL A 42 -18.45 -5.83 -19.95
N ILE A 43 -18.80 -6.85 -20.72
CA ILE A 43 -19.92 -7.72 -20.37
C ILE A 43 -19.47 -8.69 -19.29
N CYS A 44 -20.27 -8.81 -18.22
CA CYS A 44 -19.99 -9.72 -17.12
C CYS A 44 -21.25 -10.53 -16.82
N THR A 45 -21.13 -11.85 -16.87
CA THR A 45 -22.25 -12.73 -16.52
C THR A 45 -22.37 -12.82 -15.01
N GLY A 46 -23.61 -12.87 -14.52
CA GLY A 46 -23.82 -12.93 -13.09
C GLY A 46 -25.23 -13.32 -12.70
N PRO A 47 -25.38 -14.00 -11.55
CA PRO A 47 -26.65 -14.48 -10.96
C PRO A 47 -27.80 -13.49 -11.05
N THR A 58 -26.05 -16.26 -14.56
CA THR A 58 -27.28 -16.58 -15.27
C THR A 58 -27.60 -15.54 -16.36
N VAL A 59 -27.26 -14.27 -16.15
CA VAL A 59 -27.62 -13.22 -17.11
C VAL A 59 -26.45 -12.28 -17.41
N PRO A 60 -26.22 -11.90 -18.67
CA PRO A 60 -25.17 -10.92 -18.95
C PRO A 60 -25.56 -9.54 -18.43
N GLN A 61 -24.58 -8.82 -17.91
CA GLN A 61 -24.74 -7.45 -17.46
C GLN A 61 -23.56 -6.64 -17.93
N CYS A 62 -23.58 -5.35 -17.61
CA CYS A 62 -22.48 -4.45 -17.94
C CYS A 62 -21.69 -4.16 -16.67
N CYS A 63 -20.36 -4.26 -16.78
CA CYS A 63 -19.45 -4.05 -15.66
C CYS A 63 -18.46 -2.95 -16.03
N TYR A 64 -18.26 -2.01 -15.12
CA TYR A 64 -17.27 -0.96 -15.30
C TYR A 64 -16.84 -0.46 -13.93
N GLY A 65 -15.75 0.27 -13.92
CA GLY A 65 -15.28 0.86 -12.69
C GLY A 65 -13.78 0.79 -12.60
N PHE A 66 -13.30 1.11 -11.39
CA PHE A 66 -11.86 1.16 -11.14
C PHE A 66 -11.20 -0.17 -11.51
N CYS A 67 -11.75 -1.28 -11.03
CA CYS A 67 -11.14 -2.57 -11.29
C CYS A 67 -11.29 -2.99 -12.75
N ILE A 68 -12.39 -2.59 -13.41
CA ILE A 68 -12.56 -2.95 -14.82
C ILE A 68 -11.53 -2.22 -15.69
N ASP A 69 -11.38 -0.91 -15.47
CA ASP A 69 -10.30 -0.17 -16.11
C ASP A 69 -8.98 -0.84 -15.85
N LEU A 70 -8.79 -1.34 -14.62
CA LEU A 70 -7.55 -2.01 -14.28
C LEU A 70 -7.40 -3.30 -15.09
N LEU A 71 -8.45 -4.13 -15.11
CA LEU A 71 -8.45 -5.36 -15.91
C LEU A 71 -8.11 -5.08 -17.37
N ILE A 72 -8.75 -4.08 -17.96
CA ILE A 72 -8.51 -3.76 -19.38
C ILE A 72 -7.06 -3.39 -19.61
N LYS A 73 -6.51 -2.52 -18.75
CA LYS A 73 -5.11 -2.16 -18.87
C LYS A 73 -4.23 -3.40 -18.79
N LEU A 74 -4.51 -4.26 -17.82
CA LEU A 74 -3.75 -5.49 -17.64
C LEU A 74 -3.83 -6.38 -18.88
N ALA A 75 -5.06 -6.63 -19.35
CA ALA A 75 -5.25 -7.44 -20.56
C ALA A 75 -4.41 -6.91 -21.73
N ARG A 76 -4.48 -5.60 -21.99
CA ARG A 76 -3.74 -5.04 -23.12
C ARG A 76 -2.23 -5.10 -22.87
N THR A 77 -1.78 -4.81 -21.65
CA THR A 77 -0.35 -4.85 -21.34
C THR A 77 0.23 -6.23 -21.64
N MET A 78 -0.43 -7.29 -21.16
CA MET A 78 0.12 -8.63 -21.24
C MET A 78 -0.57 -9.48 -22.31
N ASN A 79 -1.40 -8.87 -23.15
CA ASN A 79 -1.95 -9.48 -24.35
C ASN A 79 -2.67 -10.79 -24.02
N PHE A 80 -3.82 -10.65 -23.36
CA PHE A 80 -4.69 -11.78 -23.12
C PHE A 80 -6.14 -11.36 -23.25
N THR A 81 -6.97 -12.33 -23.59
CA THR A 81 -8.42 -12.15 -23.62
C THR A 81 -9.04 -12.77 -22.38
N TYR A 82 -10.27 -12.38 -22.09
CA TYR A 82 -10.89 -12.74 -20.83
C TYR A 82 -12.39 -12.80 -21.02
N GLU A 83 -13.04 -13.48 -20.08
CA GLU A 83 -14.46 -13.31 -19.84
C GLU A 83 -14.66 -13.04 -18.35
N VAL A 84 -15.59 -12.14 -18.05
CA VAL A 84 -15.81 -11.67 -16.69
C VAL A 84 -17.12 -12.26 -16.19
N HIS A 85 -17.09 -12.82 -14.98
CA HIS A 85 -18.30 -13.25 -14.31
C HIS A 85 -18.28 -12.76 -12.86
N LEU A 86 -19.48 -12.59 -12.31
CA LEU A 86 -19.65 -12.17 -10.93
C LEU A 86 -19.65 -13.41 -10.04
N VAL A 87 -19.09 -13.27 -8.83
CA VAL A 87 -18.95 -14.40 -7.92
C VAL A 87 -20.31 -15.00 -7.60
N ALA A 88 -20.44 -16.31 -7.76
CA ALA A 88 -21.75 -16.97 -7.67
C ALA A 88 -22.45 -16.70 -6.35
N ASP A 89 -21.71 -16.83 -5.23
CA ASP A 89 -22.33 -16.69 -3.91
C ASP A 89 -22.23 -15.27 -3.35
N GLY A 90 -21.73 -14.31 -4.13
CA GLY A 90 -21.73 -12.91 -3.74
C GLY A 90 -20.72 -12.49 -2.69
N LYS A 91 -19.82 -13.38 -2.28
CA LYS A 91 -18.89 -13.09 -1.19
C LYS A 91 -17.47 -12.89 -1.71
N PHE A 92 -16.66 -12.20 -0.89
CA PHE A 92 -15.23 -12.09 -1.15
C PHE A 92 -14.50 -13.41 -0.87
N GLY A 93 -14.70 -13.97 0.31
CA GLY A 93 -14.15 -15.28 0.58
C GLY A 93 -13.50 -15.42 1.94
N THR A 94 -14.01 -16.36 2.75
CA THR A 94 -13.38 -16.82 3.98
C THR A 94 -13.32 -18.35 3.95
N GLN A 95 -12.49 -18.91 4.82
CA GLN A 95 -12.32 -20.36 4.89
C GLN A 95 -13.25 -20.91 5.97
N GLU A 96 -14.08 -21.87 5.60
CA GLU A 96 -15.09 -22.45 6.48
C GLU A 96 -14.82 -23.94 6.69
N ARG A 97 -15.34 -24.46 7.79
CA ARG A 97 -15.31 -25.90 8.07
C ARG A 97 -16.34 -26.63 7.21
N VAL A 98 -15.94 -27.75 6.62
CA VAL A 98 -16.92 -28.66 6.00
C VAL A 98 -17.53 -29.55 7.08
N ASN A 102 -12.01 -32.92 9.80
CA ASN A 102 -12.86 -32.55 8.67
C ASN A 102 -12.16 -31.53 7.78
N LYS A 103 -12.42 -31.59 6.48
CA LYS A 103 -11.75 -30.73 5.52
C LYS A 103 -12.26 -29.30 5.65
N LYS A 104 -11.67 -28.40 4.86
CA LYS A 104 -12.01 -26.99 4.86
C LYS A 104 -12.19 -26.52 3.43
N GLU A 105 -13.01 -25.50 3.24
CA GLU A 105 -13.13 -24.91 1.92
C GLU A 105 -13.27 -23.40 2.05
N TRP A 106 -12.84 -22.71 1.00
CA TRP A 106 -13.07 -21.27 0.87
C TRP A 106 -14.36 -21.02 0.12
N ASN A 107 -15.11 -20.01 0.55
CA ASN A 107 -16.27 -19.52 -0.18
C ASN A 107 -15.88 -18.28 -0.97
N GLY A 108 -16.88 -17.60 -1.53
CA GLY A 108 -16.66 -16.38 -2.29
C GLY A 108 -15.71 -16.54 -3.47
N MET A 109 -15.04 -15.43 -3.80
CA MET A 109 -14.14 -15.43 -4.93
C MET A 109 -12.92 -16.27 -4.65
N MET A 110 -12.50 -16.33 -3.38
CA MET A 110 -11.42 -17.21 -2.96
C MET A 110 -11.71 -18.65 -3.39
N GLY A 111 -12.93 -19.13 -3.11
CA GLY A 111 -13.28 -20.49 -3.49
C GLY A 111 -13.31 -20.68 -5.00
N GLU A 112 -13.86 -19.71 -5.73
CA GLU A 112 -13.90 -19.87 -7.17
C GLU A 112 -12.51 -19.92 -7.76
N LEU A 113 -11.60 -19.07 -7.26
CA LEU A 113 -10.25 -19.06 -7.80
C LEU A 113 -9.55 -20.39 -7.51
N LEU A 114 -9.73 -20.93 -6.29
CA LEU A 114 -9.03 -22.16 -5.92
C LEU A 114 -9.57 -23.39 -6.64
N SER A 115 -10.84 -23.39 -7.00
CA SER A 115 -11.47 -24.51 -7.70
C SER A 115 -11.29 -24.45 -9.21
N GLY A 116 -10.85 -23.33 -9.76
CA GLY A 116 -10.77 -23.18 -11.19
C GLY A 116 -11.97 -22.55 -11.85
N GLN A 117 -13.04 -22.27 -11.10
CA GLN A 117 -14.12 -21.44 -11.65
C GLN A 117 -13.60 -20.10 -12.16
N ALA A 118 -12.51 -19.60 -11.57
CA ALA A 118 -11.83 -18.42 -12.07
C ALA A 118 -10.34 -18.66 -12.18
N ASP A 119 -9.69 -17.92 -13.07
CA ASP A 119 -8.24 -17.96 -13.19
C ASP A 119 -7.57 -16.77 -12.51
N MET A 120 -8.35 -15.77 -12.11
CA MET A 120 -7.83 -14.52 -11.61
C MET A 120 -8.97 -13.74 -10.96
N ILE A 121 -8.73 -13.19 -9.78
CA ILE A 121 -9.69 -12.33 -9.11
C ILE A 121 -9.27 -10.90 -9.36
N VAL A 122 -10.15 -10.11 -9.97
CA VAL A 122 -9.89 -8.70 -10.24
C VAL A 122 -11.00 -7.95 -9.53
N ALA A 123 -10.73 -7.51 -8.31
CA ALA A 123 -11.75 -7.07 -7.38
C ALA A 123 -11.07 -6.29 -6.27
N PRO A 124 -11.84 -5.48 -5.48
CA PRO A 124 -11.23 -4.88 -4.30
C PRO A 124 -10.94 -5.94 -3.24
N LEU A 125 -9.96 -6.81 -3.51
CA LEU A 125 -9.72 -8.03 -2.73
C LEU A 125 -8.60 -7.79 -1.72
N THR A 126 -8.94 -7.71 -0.43
CA THR A 126 -7.95 -7.41 0.60
C THR A 126 -6.87 -8.48 0.69
N ILE A 127 -5.62 -8.03 0.69
CA ILE A 127 -4.45 -8.89 0.90
C ILE A 127 -4.32 -9.16 2.40
N ASN A 128 -4.30 -10.44 2.78
CA ASN A 128 -4.07 -10.78 4.17
C ASN A 128 -3.34 -12.11 4.23
N ASN A 129 -2.87 -12.43 5.44
CA ASN A 129 -2.08 -13.63 5.63
C ASN A 129 -2.91 -14.90 5.41
N GLU A 130 -4.18 -14.88 5.79
CA GLU A 130 -4.99 -16.10 5.67
C GLU A 130 -5.14 -16.52 4.21
N ARG A 131 -5.36 -15.55 3.31
CA ARG A 131 -5.53 -15.88 1.89
C ARG A 131 -4.21 -16.16 1.21
N ALA A 132 -3.14 -15.47 1.63
CA ALA A 132 -1.81 -15.62 1.05
C ALA A 132 -1.21 -17.00 1.29
N GLN A 133 -1.71 -17.72 2.33
CA GLN A 133 -1.38 -19.13 2.52
C GLN A 133 -1.67 -19.97 1.29
N TYR A 134 -2.72 -19.60 0.51
CA TYR A 134 -3.29 -20.47 -0.51
C TYR A 134 -3.26 -19.93 -1.93
N ILE A 135 -3.20 -18.60 -2.12
CA ILE A 135 -3.18 -17.98 -3.44
C ILE A 135 -2.01 -16.99 -3.50
N GLU A 136 -1.70 -16.56 -4.72
CA GLU A 136 -0.75 -15.48 -4.95
C GLU A 136 -1.48 -14.16 -5.07
N PHE A 137 -0.96 -13.13 -4.40
CA PHE A 137 -1.39 -11.76 -4.65
C PHE A 137 -0.36 -11.00 -5.48
N SER A 138 -0.84 -10.05 -6.28
CA SER A 138 0.04 -9.05 -6.82
C SER A 138 0.47 -8.09 -5.71
N LYS A 139 1.45 -7.25 -6.02
CA LYS A 139 1.67 -6.02 -5.28
C LYS A 139 0.38 -5.19 -5.24
N PRO A 140 0.13 -4.43 -4.18
CA PRO A 140 -1.18 -3.78 -4.03
C PRO A 140 -1.46 -2.82 -5.18
N PHE A 141 -2.68 -2.91 -5.74
CA PHE A 141 -3.10 -1.90 -6.69
C PHE A 141 -3.77 -0.72 -6.02
N LYS A 142 -4.12 -0.85 -4.73
CA LYS A 142 -4.73 0.24 -3.98
C LYS A 142 -4.36 0.10 -2.51
N TYR A 143 -3.86 1.18 -1.93
CA TYR A 143 -3.57 1.21 -0.50
C TYR A 143 -4.71 1.94 0.20
N GLN A 144 -5.26 1.32 1.24
CA GLN A 144 -6.40 1.92 1.95
C GLN A 144 -6.44 1.35 3.38
N GLY A 145 -7.63 1.27 3.95
CA GLY A 145 -7.77 0.67 5.27
C GLY A 145 -9.21 0.49 5.67
N LEU A 146 -9.42 0.29 6.97
CA LEU A 146 -10.75 0.07 7.54
C LEU A 146 -11.20 1.33 8.28
N THR A 147 -12.46 1.70 8.07
CA THR A 147 -13.08 2.82 8.77
C THR A 147 -14.52 2.43 9.09
N ILE A 148 -15.31 3.39 9.59
CA ILE A 148 -16.68 3.15 10.04
C ILE A 148 -17.60 4.17 9.38
N LEU A 149 -18.72 3.70 8.84
CA LEU A 149 -19.73 4.56 8.23
C LEU A 149 -20.98 4.61 9.12
N VAL A 150 -21.48 5.82 9.36
CA VAL A 150 -22.71 6.04 10.11
C VAL A 150 -23.64 6.93 9.28
N LYS A 151 -24.83 7.18 9.83
CA LYS A 151 -25.75 8.16 9.23
C LYS A 151 -25.53 9.51 9.87
N LYS A 152 -25.60 10.56 9.05
CA LYS A 152 -25.52 11.94 9.53
C LYS A 152 -26.52 12.17 10.66
N GLY A 153 -26.00 12.62 11.81
CA GLY A 153 -26.76 12.70 13.03
C GLY A 153 -26.34 11.69 14.08
N THR A 154 -25.57 10.67 13.71
CA THR A 154 -24.96 9.75 14.67
C THR A 154 -23.56 10.25 14.98
N ARG A 155 -23.19 10.23 16.27
CA ARG A 155 -21.94 10.82 16.74
C ARG A 155 -21.20 9.80 17.61
N ILE A 156 -20.50 8.89 16.95
CA ILE A 156 -19.54 8.02 17.61
C ILE A 156 -18.14 8.57 17.36
N THR A 157 -17.16 8.06 18.10
CA THR A 157 -15.79 8.54 17.99
C THR A 157 -14.88 7.64 17.17
N GLY A 158 -15.38 6.48 16.72
CA GLY A 158 -14.56 5.55 15.99
C GLY A 158 -14.53 4.15 16.60
N ILE A 159 -13.47 3.39 16.31
CA ILE A 159 -13.42 1.99 16.71
C ILE A 159 -13.49 1.86 18.23
N ASN A 160 -12.81 2.75 18.96
CA ASN A 160 -12.93 2.86 20.41
C ASN A 160 -14.02 3.89 20.71
N ASP A 161 -15.14 3.44 21.24
CA ASP A 161 -16.29 4.26 21.59
C ASP A 161 -17.20 3.37 22.43
N PRO A 162 -17.82 3.91 23.48
CA PRO A 162 -18.65 3.06 24.35
C PRO A 162 -19.67 2.21 23.62
N ARG A 163 -20.37 2.76 22.63
CA ARG A 163 -21.43 1.98 21.97
C ARG A 163 -20.88 0.85 21.09
N LEU A 164 -19.57 0.81 20.86
CA LEU A 164 -18.92 -0.20 20.02
C LEU A 164 -18.19 -1.27 20.83
N ARG A 165 -17.43 -0.86 21.86
CA ARG A 165 -16.75 -1.83 22.71
C ARG A 165 -17.61 -2.31 23.88
N ASN A 166 -18.75 -1.67 24.14
CA ASN A 166 -19.78 -2.17 25.06
C ASN A 166 -21.07 -2.36 24.28
N PRO A 167 -21.09 -3.30 23.34
CA PRO A 167 -22.23 -3.39 22.43
C PRO A 167 -23.49 -3.82 23.14
N SER A 168 -24.62 -3.47 22.54
CA SER A 168 -25.94 -3.85 23.01
C SER A 168 -26.91 -3.67 21.85
N ASP A 169 -28.16 -4.07 22.07
CA ASP A 169 -29.12 -3.98 20.97
C ASP A 169 -29.62 -2.55 20.72
N LYS A 170 -29.27 -1.59 21.57
CA LYS A 170 -29.63 -0.21 21.27
C LYS A 170 -28.75 0.42 20.20
N PHE A 171 -27.54 -0.13 19.95
CA PHE A 171 -26.66 0.36 18.89
C PHE A 171 -26.06 -0.82 18.12
N ILE A 172 -26.68 -1.16 16.99
CA ILE A 172 -26.28 -2.26 16.13
C ILE A 172 -25.17 -1.80 15.19
N TYR A 173 -24.05 -2.53 15.15
CA TYR A 173 -22.99 -2.28 14.19
C TYR A 173 -22.51 -3.60 13.61
N ALA A 174 -22.14 -3.59 12.32
CA ALA A 174 -21.88 -4.83 11.58
C ALA A 174 -20.84 -4.62 10.48
N THR A 175 -20.41 -5.75 9.89
CA THR A 175 -19.61 -5.75 8.67
C THR A 175 -20.26 -6.70 7.65
N VAL A 176 -19.55 -7.03 6.57
CA VAL A 176 -20.06 -7.94 5.53
C VAL A 176 -19.68 -9.37 5.88
N LYS A 177 -20.66 -10.25 5.82
CA LYS A 177 -20.46 -11.68 5.95
C LYS A 177 -19.32 -12.17 5.05
N GLN A 178 -18.49 -13.05 5.60
CA GLN A 178 -17.49 -13.78 4.81
C GLN A 178 -16.57 -12.84 4.04
N SER A 179 -16.04 -11.85 4.74
CA SER A 179 -15.12 -10.86 4.18
C SER A 179 -13.83 -10.87 4.98
N SER A 180 -12.83 -10.15 4.44
CA SER A 180 -11.59 -9.90 5.17
C SER A 180 -11.86 -9.24 6.53
N VAL A 181 -12.88 -8.38 6.61
CA VAL A 181 -13.18 -7.72 7.89
C VAL A 181 -13.78 -8.73 8.87
N ASP A 182 -14.56 -9.68 8.37
CA ASP A 182 -14.99 -10.81 9.19
C ASP A 182 -13.79 -11.60 9.70
N ILE A 183 -12.88 -11.97 8.80
CA ILE A 183 -11.63 -12.62 9.19
C ILE A 183 -10.97 -11.82 10.32
N TYR A 184 -10.85 -10.51 10.13
CA TYR A 184 -10.03 -9.69 11.01
C TYR A 184 -10.61 -9.66 12.43
N PHE A 185 -11.92 -9.49 12.56
CA PHE A 185 -12.52 -9.41 13.89
C PHE A 185 -12.63 -10.78 14.57
N ARG A 186 -12.64 -11.89 13.80
CA ARG A 186 -12.81 -13.23 14.37
C ARG A 186 -11.49 -13.83 14.86
N ARG A 187 -10.35 -13.41 14.29
CA ARG A 187 -9.04 -14.01 14.58
C ARG A 187 -8.38 -13.48 15.85
N GLN A 188 -8.87 -12.37 16.42
CA GLN A 188 -8.17 -11.66 17.48
C GLN A 188 -8.97 -11.76 18.77
N VAL A 189 -8.38 -12.38 19.80
CA VAL A 189 -9.07 -12.55 21.07
C VAL A 189 -9.56 -11.21 21.63
N GLU A 190 -8.80 -10.14 21.40
CA GLU A 190 -9.17 -8.81 21.89
C GLU A 190 -10.45 -8.27 21.25
N LEU A 191 -10.85 -8.77 20.09
CA LEU A 191 -12.08 -8.29 19.46
C LEU A 191 -13.25 -9.23 19.71
N SER A 192 -13.12 -10.14 20.68
CA SER A 192 -14.14 -11.17 20.90
C SER A 192 -15.51 -10.55 21.23
N THR A 193 -15.54 -9.52 22.10
CA THR A 193 -16.82 -8.90 22.45
C THR A 193 -17.46 -8.21 21.25
N MET A 194 -16.66 -7.49 20.44
CA MET A 194 -17.22 -6.85 19.26
C MET A 194 -17.67 -7.88 18.24
N TYR A 195 -16.89 -8.95 18.07
CA TYR A 195 -17.25 -9.96 17.08
C TYR A 195 -18.53 -10.70 17.46
N ARG A 196 -18.75 -10.94 18.76
CA ARG A 196 -19.99 -11.60 19.19
C ARG A 196 -21.21 -10.78 18.81
N HIS A 197 -21.19 -9.47 19.09
CA HIS A 197 -22.28 -8.61 18.65
C HIS A 197 -22.33 -8.49 17.13
N MET A 198 -21.18 -8.56 16.47
CA MET A 198 -21.14 -8.33 15.03
C MET A 198 -21.69 -9.50 14.26
N GLU A 199 -21.27 -10.72 14.60
CA GLU A 199 -21.65 -11.90 13.84
C GLU A 199 -23.16 -12.15 13.88
N LYS A 200 -23.88 -11.56 14.84
CA LYS A 200 -25.32 -11.65 14.85
C LYS A 200 -26.00 -10.50 14.10
N HIS A 201 -25.23 -9.66 13.39
CA HIS A 201 -25.83 -8.61 12.59
C HIS A 201 -25.21 -8.41 11.21
N ASN A 202 -24.15 -9.13 10.85
CA ASN A 202 -23.44 -8.86 9.61
C ASN A 202 -24.37 -9.03 8.40
N TYR A 203 -23.97 -8.41 7.29
CA TYR A 203 -24.82 -8.33 6.12
C TYR A 203 -24.27 -9.19 5.00
N GLU A 204 -25.13 -9.45 4.00
CA GLU A 204 -24.70 -10.24 2.87
C GLU A 204 -23.82 -9.45 1.89
N SER A 205 -23.89 -8.12 1.92
CA SER A 205 -23.15 -7.29 0.97
C SER A 205 -23.02 -5.88 1.53
N ALA A 206 -21.94 -5.20 1.12
CA ALA A 206 -21.75 -3.81 1.54
C ALA A 206 -22.93 -2.94 1.13
N ALA A 207 -23.50 -3.16 -0.06
CA ALA A 207 -24.63 -2.36 -0.51
C ALA A 207 -25.81 -2.45 0.45
N GLU A 208 -26.14 -3.68 0.87
CA GLU A 208 -27.26 -3.85 1.78
C GLU A 208 -26.99 -3.20 3.12
N ALA A 209 -25.74 -3.28 3.61
CA ALA A 209 -25.40 -2.67 4.89
C ALA A 209 -25.38 -1.15 4.80
N ILE A 210 -24.98 -0.59 3.65
CA ILE A 210 -25.02 0.86 3.49
C ILE A 210 -26.47 1.33 3.43
N GLN A 211 -27.28 0.68 2.57
CA GLN A 211 -28.71 0.97 2.52
C GLN A 211 -29.42 0.68 3.85
N ALA A 212 -28.80 -0.12 4.73
CA ALA A 212 -29.36 -0.34 6.06
C ALA A 212 -29.03 0.83 6.99
N VAL A 213 -27.84 1.42 6.86
CA VAL A 213 -27.56 2.64 7.61
C VAL A 213 -28.46 3.78 7.14
N ARG A 214 -28.64 3.95 5.82
CA ARG A 214 -29.53 4.99 5.31
C ARG A 214 -30.96 4.78 5.80
N ASP A 215 -31.36 3.53 6.04
CA ASP A 215 -32.69 3.22 6.53
C ASP A 215 -32.78 3.26 8.06
N ASN A 216 -31.66 3.46 8.75
CA ASN A 216 -31.51 3.50 10.20
C ASN A 216 -31.64 2.13 10.86
N LYS A 217 -31.87 1.07 10.10
CA LYS A 217 -31.87 -0.27 10.68
C LYS A 217 -30.48 -0.65 11.20
N LEU A 218 -29.41 -0.19 10.52
CA LEU A 218 -28.03 -0.40 10.96
C LEU A 218 -27.45 0.93 11.42
N HIS A 219 -26.67 0.89 12.50
CA HIS A 219 -26.16 2.12 13.10
C HIS A 219 -24.70 2.42 12.76
N ALA A 220 -23.86 1.41 12.57
CA ALA A 220 -22.48 1.62 12.15
C ALA A 220 -22.06 0.48 11.25
N PHE A 221 -21.27 0.78 10.23
CA PHE A 221 -20.81 -0.22 9.28
C PHE A 221 -19.28 -0.16 9.22
N ILE A 222 -18.63 -1.26 9.58
CA ILE A 222 -17.17 -1.37 9.56
C ILE A 222 -16.78 -1.98 8.21
N TRP A 223 -16.09 -1.21 7.36
CA TRP A 223 -15.81 -1.66 6.00
C TRP A 223 -14.61 -0.91 5.43
N ASP A 224 -14.25 -1.24 4.18
CA ASP A 224 -13.05 -0.70 3.54
C ASP A 224 -13.20 0.82 3.35
N SER A 225 -12.16 1.57 3.71
CA SER A 225 -12.25 3.02 3.59
C SER A 225 -12.40 3.48 2.14
N ALA A 226 -11.78 2.75 1.19
CA ALA A 226 -11.90 3.13 -0.21
C ALA A 226 -13.37 3.18 -0.62
N VAL A 227 -14.18 2.28 -0.07
CA VAL A 227 -15.60 2.25 -0.39
C VAL A 227 -16.37 3.27 0.45
N LEU A 228 -16.15 3.24 1.77
CA LEU A 228 -16.95 4.03 2.69
C LEU A 228 -16.78 5.53 2.43
N GLU A 229 -15.54 5.98 2.25
CA GLU A 229 -15.30 7.40 1.97
C GLU A 229 -15.94 7.83 0.65
N PHE A 230 -15.97 6.94 -0.34
CA PHE A 230 -16.70 7.24 -1.57
C PHE A 230 -18.20 7.32 -1.32
N GLU A 231 -18.73 6.44 -0.45
CA GLU A 231 -20.16 6.45 -0.16
C GLU A 231 -20.58 7.78 0.45
N ALA A 232 -19.78 8.29 1.39
CA ALA A 232 -20.06 9.57 2.03
C ALA A 232 -20.04 10.70 1.01
N SER A 233 -18.98 10.78 0.20
CA SER A 233 -18.84 11.84 -0.78
C SER A 233 -19.99 11.89 -1.78
N GLN A 234 -20.74 10.79 -1.94
CA GLN A 234 -21.85 10.73 -2.88
C GLN A 234 -23.21 10.84 -2.21
N LYS A 235 -23.30 10.48 -0.93
CA LYS A 235 -24.58 10.41 -0.21
C LYS A 235 -24.48 11.31 1.02
N CYS A 236 -25.16 12.46 0.97
CA CYS A 236 -25.06 13.46 2.03
C CYS A 236 -25.50 12.90 3.39
N ASP A 237 -26.45 11.96 3.39
CA ASP A 237 -27.03 11.43 4.62
C ASP A 237 -26.12 10.43 5.32
N LEU A 238 -24.90 10.24 4.84
CA LEU A 238 -23.94 9.33 5.45
C LEU A 238 -22.63 10.07 5.68
N VAL A 239 -21.81 9.54 6.59
CA VAL A 239 -20.51 10.11 6.93
C VAL A 239 -19.69 9.02 7.61
N THR A 240 -18.37 9.09 7.45
CA THR A 240 -17.49 8.15 8.11
C THR A 240 -16.89 8.79 9.35
N THR A 241 -16.09 8.00 10.08
CA THR A 241 -15.34 8.52 11.23
C THR A 241 -14.32 9.56 10.81
N GLY A 242 -13.81 9.47 9.58
CA GLY A 242 -12.65 10.26 9.19
C GLY A 242 -11.34 9.74 9.74
N GLU A 243 -11.30 8.48 10.18
CA GLU A 243 -10.10 7.90 10.76
C GLU A 243 -9.99 6.45 10.29
N LEU A 244 -8.81 6.07 9.79
CA LEU A 244 -8.47 4.68 9.57
C LEU A 244 -8.01 4.08 10.91
N PHE A 245 -8.51 2.88 11.23
CA PHE A 245 -8.05 2.16 12.40
C PHE A 245 -7.24 0.92 12.05
N PHE A 246 -7.09 0.64 10.76
CA PHE A 246 -6.33 -0.51 10.30
C PHE A 246 -6.07 -0.27 8.82
N ARG A 247 -4.85 -0.53 8.38
CA ARG A 247 -4.46 -0.29 7.00
C ARG A 247 -4.27 -1.62 6.29
N SER A 248 -4.68 -1.65 5.02
CA SER A 248 -4.67 -2.86 4.20
C SER A 248 -4.73 -2.45 2.73
N GLY A 249 -4.33 -3.36 1.87
CA GLY A 249 -4.31 -3.12 0.45
C GLY A 249 -5.06 -4.17 -0.35
N PHE A 250 -5.56 -3.76 -1.50
CA PHE A 250 -6.20 -4.65 -2.47
C PHE A 250 -5.17 -5.20 -3.44
N GLY A 251 -5.25 -6.50 -3.73
CA GLY A 251 -4.40 -7.11 -4.73
C GLY A 251 -5.20 -7.92 -5.73
N ILE A 252 -4.60 -8.13 -6.92
CA ILE A 252 -5.10 -9.12 -7.86
C ILE A 252 -4.78 -10.51 -7.33
N GLY A 253 -5.72 -11.44 -7.47
CA GLY A 253 -5.56 -12.79 -6.93
C GLY A 253 -5.39 -13.83 -8.03
N MET A 254 -4.34 -14.63 -7.90
CA MET A 254 -4.07 -15.73 -8.82
C MET A 254 -3.75 -16.99 -8.02
N ARG A 255 -3.88 -18.13 -8.70
CA ARG A 255 -3.52 -19.41 -8.09
C ARG A 255 -2.01 -19.50 -7.89
N LYS A 256 -1.61 -20.41 -7.00
CA LYS A 256 -0.21 -20.60 -6.64
C LYS A 256 0.64 -20.86 -7.88
N ASP A 257 1.82 -20.24 -7.92
CA ASP A 257 2.81 -20.39 -8.99
C ASP A 257 2.23 -20.10 -10.38
N SER A 258 1.10 -19.40 -10.45
CA SER A 258 0.53 -19.02 -11.74
C SER A 258 1.58 -18.29 -12.58
N PRO A 259 1.64 -18.53 -13.89
CA PRO A 259 2.67 -17.88 -14.71
C PRO A 259 2.36 -16.43 -15.02
N TRP A 260 1.20 -15.92 -14.60
CA TRP A 260 0.88 -14.51 -14.78
C TRP A 260 1.42 -13.63 -13.65
N LYS A 261 1.62 -14.21 -12.46
CA LYS A 261 1.84 -13.42 -11.25
C LYS A 261 2.94 -12.38 -11.43
N GLN A 262 4.04 -12.74 -12.09
CA GLN A 262 5.18 -11.83 -12.17
C GLN A 262 4.83 -10.57 -12.97
N ASN A 263 4.26 -10.74 -14.16
CA ASN A 263 3.99 -9.58 -15.01
C ASN A 263 2.80 -8.78 -14.51
N VAL A 264 1.82 -9.44 -13.88
CA VAL A 264 0.73 -8.70 -13.26
C VAL A 264 1.29 -7.68 -12.27
N SER A 265 2.22 -8.15 -11.42
CA SER A 265 2.83 -7.26 -10.42
C SER A 265 3.64 -6.15 -11.08
N LEU A 266 4.53 -6.49 -12.02
CA LEU A 266 5.30 -5.44 -12.70
C LEU A 266 4.35 -4.41 -13.30
N SER A 267 3.24 -4.89 -13.87
CA SER A 267 2.26 -4.02 -14.51
C SER A 267 1.56 -3.13 -13.50
N ILE A 268 1.24 -3.68 -12.32
CA ILE A 268 0.68 -2.86 -11.24
C ILE A 268 1.67 -1.78 -10.82
N LEU A 269 2.94 -2.16 -10.64
CA LEU A 269 3.96 -1.21 -10.21
C LEU A 269 4.14 -0.11 -11.25
N LYS A 270 4.34 -0.50 -12.52
CA LYS A 270 4.45 0.47 -13.60
C LYS A 270 3.25 1.43 -13.62
N SER A 271 2.05 0.90 -13.37
CA SER A 271 0.83 1.73 -13.40
C SER A 271 0.74 2.68 -12.21
N HIS A 272 1.30 2.31 -11.04
CA HIS A 272 1.44 3.33 -10.01
C HIS A 272 2.42 4.41 -10.44
N GLU A 273 3.58 3.99 -10.95
CA GLU A 273 4.65 4.92 -11.26
C GLU A 273 4.31 5.78 -12.48
N ASN A 274 3.34 5.30 -13.28
CA ASN A 274 2.83 5.86 -14.53
C ASN A 274 2.01 7.09 -14.31
N GLY A 275 1.38 7.21 -13.13
CA GLY A 275 0.25 8.07 -12.99
C GLY A 275 -1.07 7.41 -13.33
N PHE A 276 -1.06 6.25 -14.01
CA PHE A 276 -2.31 5.58 -14.40
C PHE A 276 -3.18 5.29 -13.20
N MET A 277 -2.60 4.74 -12.12
CA MET A 277 -3.42 4.48 -10.94
C MET A 277 -3.99 5.76 -10.37
N GLU A 278 -3.23 6.87 -10.46
CA GLU A 278 -3.80 8.15 -10.01
C GLU A 278 -4.94 8.60 -10.92
N ASP A 279 -4.83 8.33 -12.21
CA ASP A 279 -5.94 8.64 -13.11
C ASP A 279 -7.21 7.87 -12.71
N LEU A 280 -7.07 6.57 -12.41
CA LEU A 280 -8.23 5.79 -11.97
C LEU A 280 -8.80 6.35 -10.69
N ASP A 281 -7.94 6.70 -9.74
CA ASP A 281 -8.37 7.30 -8.48
C ASP A 281 -9.15 8.57 -8.75
N LYS A 282 -8.62 9.43 -9.62
CA LYS A 282 -9.35 10.64 -10.00
C LYS A 282 -10.69 10.32 -10.67
N THR A 283 -10.70 9.36 -11.59
CA THR A 283 -11.93 9.06 -12.33
C THR A 283 -13.02 8.48 -11.43
N TRP A 284 -12.63 7.59 -10.50
CA TRP A 284 -13.58 6.71 -9.83
C TRP A 284 -13.77 6.97 -8.35
N VAL A 285 -12.73 7.39 -7.64
CA VAL A 285 -12.71 7.40 -6.17
C VAL A 285 -12.91 8.82 -5.61
N ARG A 286 -12.18 9.81 -6.14
CA ARG A 286 -12.23 11.17 -5.63
C ARG A 286 -13.41 11.95 -6.21
N ASP B 3 22.44 -23.08 4.09
CA ASP B 3 22.28 -22.79 5.51
C ASP B 3 21.01 -21.98 5.73
N ASN B 4 20.60 -21.88 7.00
CA ASN B 4 19.64 -20.89 7.42
C ASN B 4 20.33 -19.64 7.97
N HIS B 5 21.57 -19.37 7.54
CA HIS B 5 22.36 -18.24 8.01
C HIS B 5 22.64 -17.30 6.84
N LEU B 6 22.16 -16.05 6.95
CA LEU B 6 22.02 -15.19 5.78
C LEU B 6 22.88 -13.95 5.87
N SER B 7 23.53 -13.61 4.76
CA SER B 7 24.14 -12.31 4.57
C SER B 7 23.06 -11.31 4.24
N ILE B 8 22.93 -10.27 5.07
CA ILE B 8 21.88 -9.28 4.92
C ILE B 8 22.53 -7.90 4.84
N VAL B 9 22.12 -7.10 3.84
CA VAL B 9 22.63 -5.75 3.70
C VAL B 9 21.58 -4.78 4.21
N THR B 10 22.02 -3.65 4.75
CA THR B 10 21.12 -2.59 5.17
C THR B 10 21.74 -1.25 4.84
N LEU B 11 21.08 -0.16 5.26
CA LEU B 11 21.49 1.20 4.90
C LEU B 11 20.99 2.16 5.96
N GLU B 12 21.84 3.11 6.38
CA GLU B 12 21.43 4.02 7.45
C GLU B 12 20.46 5.06 6.91
N GLU B 13 19.29 5.16 7.55
CA GLU B 13 18.33 6.23 7.28
C GLU B 13 17.34 6.25 8.44
N ALA B 14 17.57 7.16 9.39
CA ALA B 14 16.68 7.27 10.55
C ALA B 14 15.25 7.59 10.11
N PRO B 15 14.23 7.02 10.76
CA PRO B 15 14.28 6.11 11.92
C PRO B 15 14.26 4.64 11.55
N PHE B 16 14.32 4.37 10.24
CA PHE B 16 14.24 2.99 9.77
C PHE B 16 15.49 2.20 10.13
N VAL B 17 16.67 2.80 9.92
CA VAL B 17 17.92 2.18 10.35
C VAL B 17 18.79 3.30 10.94
N ILE B 18 19.22 3.12 12.17
CA ILE B 18 20.02 4.09 12.91
C ILE B 18 21.30 3.41 13.34
N VAL B 19 22.44 4.07 13.09
CA VAL B 19 23.76 3.46 13.28
C VAL B 19 24.46 4.11 14.47
N GLU B 20 25.00 3.27 15.36
CA GLU B 20 25.74 3.71 16.54
C GLU B 20 27.07 2.97 16.64
N ASP B 21 27.96 3.53 17.46
CA ASP B 21 29.22 2.86 17.77
C ASP B 21 28.99 1.80 18.85
N ILE B 22 30.01 0.96 19.05
CA ILE B 22 29.93 -0.10 20.05
C ILE B 22 30.13 0.46 21.46
N ASP B 23 30.36 -0.44 22.43
CA ASP B 23 30.36 -0.16 23.88
C ASP B 23 29.30 0.84 24.34
N THR B 26 32.65 -4.13 27.69
CA THR B 26 31.56 -3.22 27.34
C THR B 26 31.44 -3.12 25.83
N GLU B 27 32.57 -3.22 25.14
CA GLU B 27 32.64 -2.95 23.71
C GLU B 27 31.87 -3.97 22.86
N THR B 28 30.57 -4.05 23.10
CA THR B 28 29.63 -4.79 22.26
C THR B 28 28.37 -3.93 22.11
N CYS B 29 27.33 -4.49 21.49
CA CYS B 29 26.08 -3.76 21.23
C CYS B 29 25.07 -4.06 22.34
N VAL B 30 24.58 -3.00 22.98
CA VAL B 30 23.55 -3.10 24.01
C VAL B 30 22.22 -3.47 23.36
N ARG B 31 21.22 -3.82 24.17
CA ARG B 31 19.95 -4.28 23.62
C ARG B 31 19.21 -3.15 22.92
N ASN B 32 18.22 -3.52 22.11
CA ASN B 32 17.54 -2.72 21.09
C ASN B 32 18.34 -2.74 19.79
N THR B 33 19.67 -2.85 19.89
CA THR B 33 20.55 -2.79 18.73
C THR B 33 21.12 -4.18 18.41
N VAL B 34 21.43 -4.40 17.14
CA VAL B 34 22.08 -5.64 16.69
C VAL B 34 23.38 -5.24 16.01
N PRO B 35 24.35 -6.14 15.95
CA PRO B 35 25.62 -5.80 15.31
C PRO B 35 25.45 -5.68 13.80
N CYS B 36 26.21 -4.74 13.24
CA CYS B 36 26.23 -4.48 11.81
C CYS B 36 27.57 -3.86 11.49
N ARG B 37 28.25 -4.43 10.50
CA ARG B 37 29.58 -3.97 10.14
C ARG B 37 29.51 -3.09 8.91
N LYS B 38 30.52 -2.24 8.78
CA LYS B 38 30.67 -1.34 7.65
C LYS B 38 32.12 -1.40 7.17
N PHE B 39 32.32 -1.57 5.87
CA PHE B 39 33.68 -1.55 5.31
C PHE B 39 34.07 -0.10 5.08
N VAL B 40 35.02 0.40 5.86
CA VAL B 40 35.43 1.79 5.81
C VAL B 40 36.74 1.89 5.04
N LYS B 41 36.81 2.80 4.06
CA LYS B 41 37.98 2.97 3.20
C LYS B 41 39.16 3.63 3.92
N ILE B 42 40.37 3.25 3.50
CA ILE B 42 41.58 3.92 4.01
C ILE B 42 41.70 5.33 3.44
N ASN B 43 41.46 5.50 2.15
CA ASN B 43 41.41 6.81 1.49
C ASN B 43 40.66 6.63 0.18
N ASN B 44 40.50 7.72 -0.57
CA ASN B 44 39.61 7.71 -1.72
C ASN B 44 40.30 7.30 -3.00
N SER B 45 41.51 6.77 -2.90
CA SER B 45 42.28 6.33 -4.06
C SER B 45 42.80 4.92 -3.88
N THR B 46 42.15 4.13 -3.02
CA THR B 46 42.48 2.72 -2.85
C THR B 46 41.20 1.95 -2.57
N ASN B 47 41.25 0.65 -2.84
CA ASN B 47 40.19 -0.25 -2.43
C ASN B 47 40.43 -0.80 -1.03
N GLU B 48 41.57 -0.52 -0.43
CA GLU B 48 41.88 -0.99 0.92
C GLU B 48 40.93 -0.35 1.94
N GLY B 49 40.61 -1.12 2.96
CA GLY B 49 39.73 -0.65 4.02
C GLY B 49 39.72 -1.62 5.18
N MET B 50 38.88 -1.30 6.16
CA MET B 50 38.74 -2.05 7.40
C MET B 50 37.26 -2.25 7.70
N ASN B 51 36.89 -3.46 8.07
CA ASN B 51 35.52 -3.73 8.53
C ASN B 51 35.35 -3.23 9.96
N VAL B 52 34.55 -2.17 10.14
CA VAL B 52 34.33 -1.58 11.44
C VAL B 52 33.02 -2.11 11.99
N LYS B 53 33.02 -2.53 13.26
CA LYS B 53 31.81 -3.02 13.90
C LYS B 53 30.99 -1.84 14.45
N LYS B 54 29.72 -1.79 14.07
CA LYS B 54 28.78 -0.79 14.55
C LYS B 54 27.54 -1.49 15.10
N CYS B 55 26.59 -0.70 15.59
CA CYS B 55 25.37 -1.23 16.17
C CYS B 55 24.18 -0.55 15.49
N CYS B 56 23.23 -1.37 15.05
CA CYS B 56 22.10 -0.93 14.25
C CYS B 56 20.80 -1.15 15.00
N LYS B 57 19.92 -0.16 14.92
CA LYS B 57 18.61 -0.24 15.55
C LYS B 57 17.62 0.50 14.66
N GLY B 58 16.33 0.32 14.96
CA GLY B 58 15.33 1.06 14.23
C GLY B 58 14.15 0.22 13.79
N PHE B 59 13.15 0.91 13.22
CA PHE B 59 11.94 0.30 12.69
C PHE B 59 12.26 -0.96 11.87
N CYS B 60 13.14 -0.84 10.88
CA CYS B 60 13.42 -1.97 10.00
C CYS B 60 14.26 -3.03 10.70
N ILE B 61 15.12 -2.61 11.62
CA ILE B 61 15.88 -3.57 12.42
C ILE B 61 14.95 -4.41 13.28
N ASP B 62 13.94 -3.78 13.88
CA ASP B 62 12.94 -4.55 14.62
C ASP B 62 12.19 -5.53 13.72
N ILE B 63 11.80 -5.08 12.52
CA ILE B 63 11.25 -6.01 11.53
C ILE B 63 12.17 -7.20 11.38
N LEU B 64 13.45 -6.92 11.17
CA LEU B 64 14.41 -7.99 10.93
C LEU B 64 14.46 -8.94 12.12
N LYS B 65 14.40 -8.37 13.33
CA LYS B 65 14.40 -9.19 14.54
C LYS B 65 13.20 -10.14 14.55
N LYS B 66 12.01 -9.64 14.23
CA LYS B 66 10.83 -10.50 14.20
C LYS B 66 10.93 -11.56 13.11
N LEU B 67 11.39 -11.17 11.91
CA LEU B 67 11.53 -12.12 10.81
C LEU B 67 12.49 -13.25 11.17
N SER B 68 13.63 -12.88 11.75
CA SER B 68 14.60 -13.87 12.22
C SER B 68 13.97 -14.87 13.18
N ARG B 69 13.19 -14.38 14.16
CA ARG B 69 12.56 -15.27 15.13
C ARG B 69 11.48 -16.13 14.47
N THR B 70 10.62 -15.51 13.66
CA THR B 70 9.47 -16.20 13.09
C THR B 70 9.90 -17.18 11.99
N VAL B 71 10.66 -16.70 11.00
CA VAL B 71 11.09 -17.54 9.89
C VAL B 71 12.29 -18.39 10.26
N LYS B 72 12.91 -18.13 11.42
CA LYS B 72 13.99 -18.95 11.94
C LYS B 72 15.22 -18.90 11.04
N PHE B 73 16.01 -17.83 11.17
CA PHE B 73 17.28 -17.72 10.47
C PHE B 73 18.19 -16.82 11.29
N THR B 74 19.49 -17.04 11.15
CA THR B 74 20.50 -16.15 11.70
C THR B 74 21.08 -15.31 10.57
N TYR B 75 21.83 -14.27 10.94
CA TYR B 75 22.30 -13.39 9.87
C TYR B 75 23.55 -12.61 10.27
N ASP B 76 24.33 -12.24 9.24
CA ASP B 76 25.39 -11.24 9.33
C ASP B 76 24.87 -9.95 8.69
N LEU B 77 24.72 -8.90 9.48
CA LEU B 77 24.20 -7.65 8.95
C LEU B 77 25.37 -6.73 8.60
N TYR B 78 25.33 -6.15 7.40
CA TYR B 78 26.34 -5.19 7.00
C TYR B 78 25.70 -4.01 6.27
N LEU B 79 26.38 -2.87 6.33
CA LEU B 79 25.88 -1.62 5.78
C LEU B 79 26.47 -1.39 4.40
N VAL B 80 25.63 -0.91 3.49
CA VAL B 80 26.11 -0.70 2.12
C VAL B 80 27.12 0.44 2.14
N THR B 81 28.19 0.30 1.36
CA THR B 81 29.21 1.35 1.28
C THR B 81 29.24 2.09 -0.05
N ASN B 82 28.72 1.50 -1.12
CA ASN B 82 28.76 2.11 -2.46
C ASN B 82 27.32 2.32 -2.93
N GLY B 83 26.86 3.56 -2.86
CA GLY B 83 25.49 3.86 -3.21
C GLY B 83 24.63 3.94 -1.97
N LYS B 84 23.32 4.05 -2.21
CA LYS B 84 22.35 4.18 -1.13
C LYS B 84 21.33 3.07 -1.31
N HIS B 85 20.11 3.39 -1.76
CA HIS B 85 19.07 2.37 -1.83
C HIS B 85 19.31 1.41 -3.00
N GLY B 86 19.67 1.92 -4.17
CA GLY B 86 19.88 1.12 -5.35
C GLY B 86 19.59 1.90 -6.62
N LYS B 87 20.63 2.12 -7.42
CA LYS B 87 20.54 2.83 -8.68
C LYS B 87 21.28 2.02 -9.74
N LYS B 88 20.65 1.86 -10.90
CA LYS B 88 21.30 1.25 -12.06
C LYS B 88 22.12 2.33 -12.77
N VAL B 89 23.44 2.22 -12.71
CA VAL B 89 24.35 3.12 -13.42
C VAL B 89 24.95 2.35 -14.61
N ASN B 90 24.69 2.84 -15.82
CA ASN B 90 25.14 2.18 -17.04
C ASN B 90 24.87 0.68 -16.98
N ASN B 91 23.65 0.36 -16.57
CA ASN B 91 23.15 -1.00 -16.40
C ASN B 91 23.87 -1.77 -15.28
N VAL B 92 24.58 -1.08 -14.38
CA VAL B 92 25.30 -1.71 -13.27
C VAL B 92 24.77 -1.17 -11.94
N TRP B 93 24.09 -2.04 -11.18
CA TRP B 93 23.41 -1.64 -9.95
C TRP B 93 24.39 -1.40 -8.81
N ASN B 94 24.20 -0.28 -8.10
CA ASN B 94 24.90 -0.02 -6.83
C ASN B 94 23.92 -0.17 -5.67
N GLY B 95 24.31 0.33 -4.49
CA GLY B 95 23.40 0.40 -3.35
C GLY B 95 23.04 -0.97 -2.79
N MET B 96 22.00 -0.95 -1.95
CA MET B 96 21.45 -2.20 -1.41
C MET B 96 21.04 -3.15 -2.52
N ILE B 97 20.33 -2.64 -3.54
CA ILE B 97 19.90 -3.51 -4.65
C ILE B 97 21.11 -4.20 -5.28
N GLY B 98 22.21 -3.48 -5.44
CA GLY B 98 23.40 -4.07 -6.05
C GLY B 98 23.97 -5.22 -5.23
N GLU B 99 23.97 -5.08 -3.90
CA GLU B 99 24.43 -6.17 -3.04
C GLU B 99 23.64 -7.45 -3.30
N VAL B 100 22.32 -7.32 -3.52
CA VAL B 100 21.46 -8.48 -3.73
C VAL B 100 21.65 -9.04 -5.13
N VAL B 101 21.56 -8.17 -6.15
CA VAL B 101 21.65 -8.67 -7.53
C VAL B 101 22.95 -9.41 -7.75
N TYR B 102 24.07 -8.84 -7.25
CA TYR B 102 25.39 -9.46 -7.40
C TYR B 102 25.71 -10.43 -6.28
N GLN B 103 24.70 -10.84 -5.52
CA GLN B 103 24.75 -12.00 -4.63
C GLN B 103 25.75 -11.87 -3.49
N ARG B 104 26.12 -10.64 -3.10
CA ARG B 104 26.83 -10.47 -1.83
C ARG B 104 25.88 -10.52 -0.64
N ALA B 105 24.60 -10.25 -0.85
CA ALA B 105 23.56 -10.37 0.17
C ALA B 105 22.41 -11.18 -0.41
N VAL B 106 21.78 -11.99 0.42
CA VAL B 106 20.54 -12.63 -0.02
C VAL B 106 19.35 -11.80 0.36
N MET B 107 19.53 -10.73 1.12
CA MET B 107 18.38 -9.97 1.56
C MET B 107 18.81 -8.54 1.87
N ALA B 108 17.94 -7.59 1.55
CA ALA B 108 18.18 -6.18 1.82
C ALA B 108 17.03 -5.70 2.70
N VAL B 109 17.36 -5.14 3.86
CA VAL B 109 16.36 -4.72 4.84
C VAL B 109 16.60 -3.25 5.16
N GLY B 110 15.59 -2.42 4.92
CA GLY B 110 15.75 -1.00 5.15
C GLY B 110 14.63 -0.22 4.47
N SER B 111 14.85 1.09 4.33
CA SER B 111 13.89 2.02 3.73
C SER B 111 13.92 1.92 2.20
N LEU B 112 13.72 0.69 1.72
CA LEU B 112 13.96 0.36 0.32
C LEU B 112 12.63 0.29 -0.42
N THR B 113 12.44 1.16 -1.38
CA THR B 113 11.14 1.29 -2.01
C THR B 113 10.94 0.26 -3.10
N ILE B 114 9.75 -0.33 -3.12
CA ILE B 114 9.40 -1.31 -4.14
C ILE B 114 9.10 -0.54 -5.41
N ASN B 115 9.83 -0.85 -6.49
CA ASN B 115 9.54 -0.22 -7.78
C ASN B 115 9.70 -1.24 -8.90
N GLU B 116 9.19 -0.88 -10.09
CA GLU B 116 9.13 -1.81 -11.22
C GLU B 116 10.52 -2.24 -11.66
N GLU B 117 11.44 -1.28 -11.81
CA GLU B 117 12.76 -1.58 -12.37
C GLU B 117 13.53 -2.53 -11.46
N ARG B 118 13.53 -2.24 -10.15
CA ARG B 118 14.18 -3.14 -9.21
C ARG B 118 13.51 -4.50 -9.18
N SER B 119 12.18 -4.56 -9.38
CA SER B 119 11.48 -5.83 -9.31
C SER B 119 11.80 -6.75 -10.48
N GLU B 120 12.44 -6.24 -11.53
CA GLU B 120 12.87 -7.10 -12.62
C GLU B 120 14.15 -7.86 -12.27
N VAL B 121 14.97 -7.35 -11.35
CA VAL B 121 16.24 -7.98 -11.01
C VAL B 121 16.28 -8.53 -9.59
N VAL B 122 15.30 -8.21 -8.75
CA VAL B 122 15.19 -8.77 -7.41
C VAL B 122 13.71 -9.07 -7.16
N ASP B 123 13.45 -9.90 -6.16
CA ASP B 123 12.11 -10.13 -5.65
C ASP B 123 11.87 -9.23 -4.44
N PHE B 124 10.64 -8.74 -4.27
CA PHE B 124 10.28 -7.93 -3.11
C PHE B 124 9.20 -8.62 -2.31
N SER B 125 9.40 -8.71 -1.00
CA SER B 125 8.34 -9.06 -0.06
C SER B 125 7.13 -8.17 -0.26
N VAL B 126 6.01 -8.50 0.37
CA VAL B 126 4.91 -7.56 0.53
C VAL B 126 5.47 -6.29 1.17
N PRO B 127 4.89 -5.13 0.89
CA PRO B 127 5.33 -3.89 1.55
C PRO B 127 4.97 -3.87 3.03
N PHE B 128 5.93 -3.44 3.87
CA PHE B 128 5.64 -3.38 5.30
C PHE B 128 5.37 -1.97 5.81
N VAL B 129 5.67 -0.93 5.03
CA VAL B 129 5.10 0.39 5.28
C VAL B 129 4.87 1.05 3.94
N GLU B 130 3.81 1.84 3.89
CA GLU B 130 3.43 2.56 2.69
C GLU B 130 4.36 3.73 2.42
N THR B 131 4.64 3.96 1.14
CA THR B 131 5.32 5.20 0.74
C THR B 131 4.86 5.61 -0.65
N GLY B 132 5.61 6.49 -1.28
CA GLY B 132 5.17 7.13 -2.50
C GLY B 132 5.78 8.51 -2.58
N ILE B 133 5.32 9.30 -3.55
CA ILE B 133 5.77 10.67 -3.67
C ILE B 133 4.75 11.56 -2.99
N SER B 134 5.15 12.19 -1.90
CA SER B 134 4.28 13.09 -1.17
C SER B 134 4.84 14.52 -1.24
N VAL B 135 4.11 15.45 -0.64
CA VAL B 135 4.48 16.86 -0.63
C VAL B 135 4.39 17.39 0.81
N MET B 136 5.42 18.11 1.25
CA MET B 136 5.42 18.77 2.54
C MET B 136 5.41 20.28 2.35
N VAL B 137 4.59 20.97 3.14
CA VAL B 137 4.47 22.43 3.07
C VAL B 137 4.38 22.99 4.49
N SER B 138 4.50 24.31 4.60
CA SER B 138 4.20 24.94 5.88
C SER B 138 2.69 24.91 6.09
N ARG B 139 2.29 24.73 7.34
CA ARG B 139 0.87 24.70 7.70
C ARG B 139 0.15 25.93 7.14
N GLY B 140 -0.98 25.69 6.47
CA GLY B 140 -1.74 26.74 5.82
C GLY B 140 -1.68 26.70 4.30
N THR B 141 -0.57 26.21 3.74
CA THR B 141 -0.42 26.15 2.28
C THR B 141 -1.36 25.10 1.69
N GLN B 142 -1.93 25.40 0.52
CA GLN B 142 -2.94 24.55 -0.10
C GLN B 142 -2.37 23.91 -1.35
N VAL B 143 -2.09 22.61 -1.27
CA VAL B 143 -1.70 21.81 -2.44
C VAL B 143 -2.34 20.44 -2.31
N THR B 144 -2.74 19.88 -3.45
CA THR B 144 -3.39 18.57 -3.47
C THR B 144 -2.42 17.40 -3.55
N GLY B 145 -1.17 17.62 -3.94
CA GLY B 145 -0.30 16.48 -4.21
C GLY B 145 0.55 16.76 -5.44
N LEU B 146 1.34 15.76 -5.86
CA LEU B 146 2.30 15.99 -6.94
C LEU B 146 1.64 16.48 -8.22
N SER B 147 0.51 15.86 -8.60
CA SER B 147 -0.15 16.21 -9.87
C SER B 147 -0.97 17.52 -9.80
N ASP B 148 -0.93 18.25 -8.68
CA ASP B 148 -1.52 19.59 -8.61
C ASP B 148 -1.03 20.46 -9.77
N LYS B 149 -1.96 21.25 -10.35
CA LYS B 149 -1.62 22.22 -11.39
C LYS B 149 -0.56 23.22 -10.94
N LYS B 150 -0.49 23.50 -9.63
CA LYS B 150 0.52 24.41 -9.11
C LYS B 150 1.94 23.89 -9.40
N PHE B 151 2.08 22.57 -9.48
CA PHE B 151 3.35 21.92 -9.82
C PHE B 151 3.50 21.67 -11.32
N GLN B 152 2.43 21.24 -12.01
CA GLN B 152 2.56 20.82 -13.40
C GLN B 152 2.81 22.00 -14.33
N ARG B 153 2.17 23.14 -14.05
CA ARG B 153 2.35 24.37 -14.83
C ARG B 153 2.56 25.51 -13.85
N PRO B 154 3.76 25.61 -13.27
CA PRO B 154 3.96 26.56 -12.15
C PRO B 154 3.70 28.01 -12.52
N HIS B 155 3.99 28.42 -13.76
CA HIS B 155 3.83 29.81 -14.14
C HIS B 155 2.39 30.19 -14.45
N ASP B 156 1.45 29.25 -14.38
CA ASP B 156 0.04 29.58 -14.35
C ASP B 156 -0.37 30.35 -13.10
N TYR B 157 0.55 30.56 -12.15
CA TYR B 157 0.26 31.28 -10.92
C TYR B 157 1.29 32.39 -10.72
N SER B 158 0.87 33.47 -10.06
CA SER B 158 1.76 34.59 -9.79
C SER B 158 1.67 34.96 -8.31
N PRO B 159 2.78 34.84 -7.54
CA PRO B 159 4.07 34.32 -8.02
C PRO B 159 4.08 32.79 -8.16
N PRO B 160 5.03 32.25 -8.92
CA PRO B 160 5.08 30.80 -9.09
C PRO B 160 5.51 30.13 -7.79
N PHE B 161 4.91 28.98 -7.52
CA PHE B 161 5.35 28.18 -6.39
C PHE B 161 6.84 27.87 -6.49
N ARG B 162 7.52 27.97 -5.35
CA ARG B 162 8.91 27.54 -5.21
C ARG B 162 8.91 26.16 -4.56
N PHE B 163 9.38 25.16 -5.30
CA PHE B 163 9.29 23.79 -4.82
C PHE B 163 10.42 22.97 -5.44
N GLY B 164 10.88 22.00 -4.67
CA GLY B 164 11.97 21.19 -5.18
C GLY B 164 12.03 19.86 -4.47
N THR B 165 12.98 19.07 -4.90
CA THR B 165 13.29 17.82 -4.24
C THR B 165 14.80 17.78 -4.01
N VAL B 166 15.25 16.67 -3.44
CA VAL B 166 16.66 16.32 -3.43
C VAL B 166 16.95 15.54 -4.71
N PRO B 167 17.81 16.05 -5.58
CA PRO B 167 18.03 15.40 -6.89
C PRO B 167 18.82 14.10 -6.76
N ASN B 168 18.94 13.39 -7.90
CA ASN B 168 19.71 12.17 -8.14
C ASN B 168 19.07 10.89 -7.59
N GLY B 169 17.84 10.95 -7.07
CA GLY B 169 17.13 9.76 -6.61
C GLY B 169 15.86 9.41 -7.37
N SER B 170 15.00 8.59 -6.74
CA SER B 170 13.79 8.11 -7.40
C SER B 170 12.79 9.24 -7.63
N THR B 171 12.67 10.20 -6.70
CA THR B 171 11.71 11.28 -6.90
C THR B 171 12.02 12.06 -8.17
N GLU B 172 13.26 12.55 -8.28
CA GLU B 172 13.65 13.31 -9.46
C GLU B 172 13.42 12.49 -10.71
N ARG B 173 13.78 11.21 -10.68
CA ARG B 173 13.69 10.37 -11.86
C ARG B 173 12.23 10.16 -12.26
N ASN B 174 11.37 9.88 -11.27
CA ASN B 174 9.94 9.76 -11.55
C ASN B 174 9.38 11.05 -12.14
N ILE B 175 9.69 12.19 -11.53
CA ILE B 175 9.14 13.46 -12.00
C ILE B 175 9.63 13.74 -13.42
N ARG B 176 10.94 13.55 -13.65
CA ARG B 176 11.52 13.74 -14.97
C ARG B 176 10.77 12.94 -16.03
N ASN B 177 10.30 11.75 -15.69
CA ASN B 177 9.61 10.93 -16.69
C ASN B 177 8.14 11.28 -16.84
N ASN B 178 7.47 11.71 -15.77
CA ASN B 178 6.03 11.95 -15.83
C ASN B 178 5.65 13.40 -16.13
N TYR B 179 6.47 14.37 -15.73
CA TYR B 179 6.11 15.77 -15.81
C TYR B 179 7.31 16.56 -16.28
N PRO B 180 7.62 16.50 -17.57
CA PRO B 180 8.92 17.03 -18.01
C PRO B 180 9.10 18.49 -17.70
N TYR B 181 8.05 19.31 -17.86
CA TYR B 181 8.22 20.73 -17.59
C TYR B 181 8.35 21.00 -16.09
N MET B 182 7.61 20.29 -15.25
CA MET B 182 7.80 20.43 -13.81
C MET B 182 9.25 20.18 -13.44
N HIS B 183 9.82 19.07 -13.92
CA HIS B 183 11.22 18.78 -13.64
C HIS B 183 12.12 19.92 -14.08
N GLN B 184 11.92 20.41 -15.30
CA GLN B 184 12.71 21.53 -15.78
C GLN B 184 12.58 22.73 -14.84
N TYR B 185 11.34 23.03 -14.42
CA TYR B 185 11.13 24.17 -13.53
C TYR B 185 11.86 23.96 -12.20
N MET B 186 11.66 22.80 -11.56
CA MET B 186 12.03 22.68 -10.16
C MET B 186 13.52 22.44 -9.95
N THR B 187 14.27 22.17 -11.01
CA THR B 187 15.73 22.00 -10.91
C THR B 187 16.38 23.15 -10.14
N ARG B 188 15.92 24.38 -10.36
CA ARG B 188 16.51 25.54 -9.69
C ARG B 188 16.32 25.52 -8.18
N PHE B 189 15.39 24.71 -7.67
CA PHE B 189 15.17 24.65 -6.23
C PHE B 189 15.67 23.34 -5.62
N ASN B 190 16.57 22.63 -6.31
CA ASN B 190 17.20 21.41 -5.78
C ASN B 190 17.73 21.63 -4.37
N GLN B 191 17.42 20.70 -3.48
CA GLN B 191 17.88 20.75 -2.10
C GLN B 191 19.02 19.77 -1.93
N ARG B 192 19.99 20.13 -1.09
CA ARG B 192 21.14 19.26 -0.88
C ARG B 192 20.74 18.00 -0.13
N GLY B 193 19.83 18.13 0.82
CA GLY B 193 19.35 17.00 1.59
C GLY B 193 18.03 17.36 2.25
N VAL B 194 17.47 16.37 2.93
CA VAL B 194 16.15 16.51 3.55
C VAL B 194 16.15 17.62 4.60
N GLU B 195 17.15 17.64 5.48
CA GLU B 195 17.16 18.65 6.55
C GLU B 195 17.33 20.06 5.97
N ASP B 196 18.16 20.19 4.94
CA ASP B 196 18.28 21.46 4.22
C ASP B 196 16.91 21.93 3.76
N ALA B 197 16.14 21.02 3.14
CA ALA B 197 14.83 21.39 2.61
C ALA B 197 13.87 21.78 3.72
N LEU B 198 13.88 21.05 4.85
CA LEU B 198 13.04 21.44 5.98
C LEU B 198 13.35 22.85 6.45
N VAL B 199 14.63 23.20 6.54
CA VAL B 199 15.00 24.55 6.97
C VAL B 199 14.54 25.57 5.93
N SER B 200 14.73 25.27 4.63
CA SER B 200 14.23 26.15 3.58
C SER B 200 12.72 26.36 3.70
N LEU B 201 11.96 25.30 3.94
CA LEU B 201 10.51 25.45 4.12
C LEU B 201 10.20 26.40 5.27
N LYS B 202 10.86 26.21 6.42
CA LYS B 202 10.52 26.98 7.61
C LYS B 202 11.02 28.41 7.55
N THR B 203 12.03 28.69 6.74
CA THR B 203 12.54 30.05 6.60
C THR B 203 11.87 30.80 5.46
N GLY B 204 10.84 30.21 4.84
CA GLY B 204 10.12 30.88 3.79
C GLY B 204 10.83 30.96 2.47
N LYS B 205 11.92 30.21 2.29
CA LYS B 205 12.65 30.20 1.03
C LYS B 205 12.19 29.09 0.08
N LEU B 206 11.30 28.22 0.55
CA LEU B 206 10.74 27.14 -0.24
C LEU B 206 9.28 27.00 0.14
N ASP B 207 8.40 26.87 -0.86
CA ASP B 207 6.97 26.71 -0.62
C ASP B 207 6.56 25.24 -0.47
N ALA B 208 7.24 24.31 -1.14
CA ALA B 208 6.90 22.90 -1.03
C ALA B 208 8.14 22.06 -1.29
N PHE B 209 8.18 20.90 -0.65
CA PHE B 209 9.27 19.94 -0.79
C PHE B 209 8.65 18.60 -1.19
N ILE B 210 9.11 18.04 -2.31
CA ILE B 210 8.53 16.84 -2.90
C ILE B 210 9.49 15.70 -2.63
N TYR B 211 9.02 14.69 -1.87
CA TYR B 211 9.91 13.61 -1.42
C TYR B 211 9.10 12.37 -1.01
N ASP B 212 9.86 11.33 -0.64
CA ASP B 212 9.34 10.09 -0.08
C ASP B 212 8.32 10.33 1.04
N ALA B 213 7.14 9.72 0.89
CA ALA B 213 6.02 9.96 1.80
C ALA B 213 6.29 9.48 3.23
N ALA B 214 6.87 8.28 3.41
CA ALA B 214 7.16 7.79 4.75
C ALA B 214 8.16 8.69 5.46
N VAL B 215 9.17 9.17 4.73
CA VAL B 215 10.11 10.08 5.36
C VAL B 215 9.43 11.39 5.71
N LEU B 216 8.60 11.90 4.80
CA LEU B 216 7.96 13.19 5.07
C LEU B 216 6.93 13.08 6.19
N ASN B 217 6.22 11.95 6.27
CA ASN B 217 5.31 11.72 7.40
C ASN B 217 6.08 11.71 8.71
N TYR B 218 7.24 11.05 8.75
CA TYR B 218 8.03 10.99 9.96
C TYR B 218 8.56 12.36 10.37
N LYS B 219 9.04 13.15 9.40
CA LYS B 219 9.55 14.48 9.71
C LYS B 219 8.45 15.37 10.27
N ALA B 220 7.30 15.43 9.58
CA ALA B 220 6.17 16.22 10.09
C ALA B 220 5.68 15.70 11.44
N GLY B 221 5.77 14.39 11.68
CA GLY B 221 5.35 13.86 12.96
C GLY B 221 6.13 14.47 14.12
N ARG B 222 7.41 14.75 13.90
CA ARG B 222 8.28 15.24 14.98
C ARG B 222 8.74 16.68 14.76
N ASP B 223 8.09 17.40 13.84
CA ASP B 223 8.47 18.79 13.59
C ASP B 223 8.20 19.65 14.83
N GLU B 224 9.17 20.50 15.16
CA GLU B 224 9.07 21.36 16.34
C GLU B 224 8.01 22.43 16.10
N GLY B 225 7.03 22.50 16.99
CA GLY B 225 5.91 23.38 16.80
C GLY B 225 4.90 22.89 15.79
N CYS B 226 5.15 21.74 15.16
CA CYS B 226 4.22 21.13 14.22
C CYS B 226 3.80 22.11 13.13
N LYS B 227 4.77 22.80 12.55
CA LYS B 227 4.42 23.77 11.51
C LYS B 227 4.49 23.18 10.10
N LEU B 228 5.29 22.14 9.88
CA LEU B 228 5.39 21.50 8.58
C LEU B 228 4.43 20.32 8.51
N VAL B 229 3.64 20.25 7.44
CA VAL B 229 2.64 19.20 7.27
C VAL B 229 2.72 18.61 5.87
N THR B 230 2.27 17.36 5.74
CA THR B 230 2.15 16.67 4.45
C THR B 230 0.70 16.68 3.97
N ILE B 231 0.53 16.37 2.69
CA ILE B 231 -0.77 16.14 2.08
C ILE B 231 -1.40 14.89 2.70
N GLY B 232 -2.69 14.69 2.46
CA GLY B 232 -3.33 13.47 2.94
C GLY B 232 -2.78 12.25 2.24
N SER B 233 -2.94 11.10 2.90
CA SER B 233 -2.50 9.86 2.28
C SER B 233 -3.26 9.54 1.00
N GLY B 234 -4.46 10.10 0.84
CA GLY B 234 -5.22 9.88 -0.37
C GLY B 234 -4.63 10.54 -1.60
N TYR B 235 -3.61 11.35 -1.41
CA TYR B 235 -3.05 12.15 -2.49
C TYR B 235 -1.58 11.85 -2.75
N ILE B 236 -1.01 10.87 -2.06
CA ILE B 236 0.32 10.37 -2.39
C ILE B 236 0.31 9.89 -3.84
N PHE B 237 1.36 10.27 -4.57
CA PHE B 237 1.47 9.87 -5.96
C PHE B 237 2.31 8.59 -6.07
N ALA B 238 1.88 7.67 -6.93
CA ALA B 238 2.64 6.44 -7.17
C ALA B 238 2.85 5.69 -5.86
N THR B 239 1.76 5.49 -5.14
CA THR B 239 1.78 4.74 -3.89
C THR B 239 2.44 3.39 -4.10
N THR B 240 3.31 3.04 -3.16
CA THR B 240 3.96 1.73 -3.11
C THR B 240 4.29 1.50 -1.64
N GLY B 241 5.40 0.79 -1.35
CA GLY B 241 5.81 0.61 0.03
C GLY B 241 7.29 0.32 0.09
N TYR B 242 7.84 0.41 1.30
CA TYR B 242 9.12 -0.24 1.56
C TYR B 242 8.89 -1.73 1.60
N GLY B 243 9.80 -2.50 1.00
CA GLY B 243 9.77 -3.95 1.11
C GLY B 243 11.17 -4.51 1.27
N ILE B 244 11.23 -5.75 1.73
CA ILE B 244 12.50 -6.46 1.81
C ILE B 244 12.85 -6.99 0.43
N ALA B 245 14.10 -6.79 -0.01
CA ALA B 245 14.56 -7.34 -1.28
C ALA B 245 15.26 -8.67 -1.09
N LEU B 246 14.99 -9.61 -2.00
CA LEU B 246 15.58 -10.94 -1.98
C LEU B 246 16.12 -11.26 -3.37
N GLN B 247 17.02 -12.26 -3.44
CA GLN B 247 17.49 -12.71 -4.74
C GLN B 247 16.34 -13.23 -5.58
N LYS B 248 16.50 -13.17 -6.90
CA LYS B 248 15.49 -13.69 -7.82
C LYS B 248 15.22 -15.14 -7.53
N GLY B 249 13.94 -15.50 -7.45
CA GLY B 249 13.56 -16.86 -7.11
C GLY B 249 13.94 -17.30 -5.71
N SER B 250 14.09 -16.36 -4.79
CA SER B 250 14.49 -16.70 -3.43
C SER B 250 13.48 -17.66 -2.80
N PRO B 251 13.96 -18.68 -2.09
CA PRO B 251 13.05 -19.54 -1.32
C PRO B 251 12.65 -18.97 0.03
N TRP B 252 13.20 -17.82 0.43
CA TRP B 252 12.78 -17.15 1.65
C TRP B 252 11.56 -16.25 1.44
N LYS B 253 11.21 -15.95 0.19
CA LYS B 253 10.19 -14.93 -0.05
C LYS B 253 8.85 -15.28 0.55
N ARG B 254 8.43 -16.54 0.39
CA ARG B 254 7.07 -16.89 0.80
C ARG B 254 6.89 -16.77 2.30
N GLN B 255 7.82 -17.30 3.09
CA GLN B 255 7.68 -17.23 4.54
C GLN B 255 7.90 -15.82 5.07
N ILE B 256 8.78 -15.03 4.43
CA ILE B 256 8.87 -13.61 4.77
C ILE B 256 7.52 -12.92 4.54
N ASP B 257 6.92 -13.16 3.37
CA ASP B 257 5.61 -12.58 3.06
C ASP B 257 4.57 -12.99 4.10
N LEU B 258 4.53 -14.28 4.47
CA LEU B 258 3.56 -14.70 5.48
C LEU B 258 3.85 -14.05 6.83
N ALA B 259 5.13 -13.94 7.22
CA ALA B 259 5.43 -13.34 8.51
C ALA B 259 5.06 -11.86 8.53
N LEU B 260 5.39 -11.12 7.46
CA LEU B 260 5.04 -9.70 7.39
C LEU B 260 3.52 -9.49 7.41
N LEU B 261 2.77 -10.30 6.65
CA LEU B 261 1.30 -10.15 6.69
C LEU B 261 0.76 -10.54 8.07
N GLN B 262 1.39 -11.54 8.70
CA GLN B 262 1.12 -11.87 10.10
C GLN B 262 1.28 -10.65 11.02
N PHE B 263 2.45 -9.99 10.95
CA PHE B 263 2.70 -8.82 11.81
C PHE B 263 1.69 -7.71 11.57
N VAL B 264 1.25 -7.56 10.32
CA VAL B 264 0.29 -6.51 9.99
C VAL B 264 -1.06 -6.81 10.63
N GLY B 265 -1.52 -8.05 10.50
CA GLY B 265 -2.86 -8.42 10.92
C GLY B 265 -3.04 -8.56 12.42
N ASP B 266 -1.97 -8.85 13.15
CA ASP B 266 -2.07 -9.13 14.58
C ASP B 266 -1.66 -7.95 15.45
N GLY B 267 -1.40 -6.78 14.86
CA GLY B 267 -1.06 -5.58 15.60
C GLY B 267 0.43 -5.32 15.80
N GLU B 268 1.30 -6.24 15.38
CA GLU B 268 2.73 -6.05 15.67
C GLU B 268 3.33 -4.93 14.84
N MET B 269 2.90 -4.77 13.58
CA MET B 269 3.43 -3.69 12.77
C MET B 269 2.98 -2.34 13.32
N GLU B 270 1.71 -2.22 13.72
CA GLU B 270 1.22 -0.94 14.22
C GLU B 270 1.97 -0.52 15.47
N GLU B 271 2.39 -1.49 16.29
CA GLU B 271 3.16 -1.18 17.49
C GLU B 271 4.56 -0.68 17.14
N LEU B 272 5.20 -1.26 16.13
CA LEU B 272 6.49 -0.73 15.68
C LEU B 272 6.32 0.68 15.14
N GLU B 273 5.24 0.91 14.40
CA GLU B 273 4.95 2.25 13.89
C GLU B 273 4.79 3.24 15.04
N THR B 274 4.12 2.82 16.11
CA THR B 274 3.98 3.67 17.28
C THR B 274 5.33 3.85 17.96
N LEU B 275 6.16 2.80 17.95
CA LEU B 275 7.45 2.84 18.61
C LEU B 275 8.49 3.67 17.88
N TRP B 276 8.37 3.86 16.55
CA TRP B 276 9.47 4.45 15.78
C TRP B 276 9.05 5.63 14.91
N LEU B 277 7.80 5.67 14.48
CA LEU B 277 7.42 6.54 13.36
C LEU B 277 6.42 7.62 13.73
N THR B 278 5.53 7.37 14.68
CA THR B 278 4.60 8.41 15.08
C THR B 278 5.30 9.44 15.96
N GLY B 279 4.87 10.69 15.86
CA GLY B 279 5.40 11.74 16.68
C GLY B 279 4.33 12.63 17.30
N ILE B 280 4.74 13.79 17.83
CA ILE B 280 3.82 14.69 18.52
C ILE B 280 2.69 15.14 17.59
N CYS B 281 3.03 15.62 16.40
CA CYS B 281 2.08 16.31 15.53
C CYS B 281 1.09 15.40 14.80
N GLY C . -12.04 -6.14 0.89
CA GLY C . -12.98 -7.12 1.39
C GLY C . -12.45 -8.53 1.25
O GLY C . -12.94 -9.49 1.89
OXT GLY C . -11.51 -8.77 0.48
N01 5DY D . 13.21 4.84 -0.43
C02 5DY D . 13.97 5.42 -1.52
C03 5DY D . 13.05 6.25 -2.41
C04 5DY D . 12.70 7.51 -1.82
C05 5DY D . 13.96 8.45 -1.74
C06 5DY D . 13.75 9.32 -2.78
N07 5DY D . 12.36 9.37 -3.19
N08 5DY D . 11.81 8.21 -2.84
C09 5DY D . 10.65 7.66 -3.45
C10 5DY D . 9.70 6.72 -2.73
C11 5DY D . 8.53 6.18 -3.53
C12 5DY D . 8.36 6.59 -4.98
C13 5DY D . 7.22 6.09 -5.85
C14 5DY D . 7.80 5.88 -7.25
C15 5DY D . 8.80 4.71 -7.28
F16 5DY D . 8.28 3.63 -6.62
C17 5DY D . 9.33 7.54 -5.66
C18 5DY D . 10.49 8.08 -4.89
C19 5DY D . 14.79 10.22 -3.42
O20 5DY D . 15.91 10.37 -2.84
O21 5DY D . 14.47 10.78 -4.50
C22 5DY D . 14.57 4.35 -2.43
O23 5DY D . 14.43 3.14 -2.15
O24 5DY D . 15.20 4.69 -3.47
C1 PEG E . 10.78 5.47 -13.22
O1 PEG E . 11.87 5.11 -14.05
C2 PEG E . 9.89 6.54 -13.89
O2 PEG E . 8.59 6.00 -14.11
C3 PEG E . 7.64 6.82 -14.84
C4 PEG E . 7.82 6.61 -16.26
O4 PEG E . 6.71 7.07 -16.96
C TRS F . 19.49 5.81 -4.64
C1 TRS F . 18.91 6.48 -3.36
C2 TRS F . 21.02 5.89 -4.64
C3 TRS F . 18.94 6.47 -5.90
N TRS F . 19.12 4.46 -4.77
O1 TRS F . 18.49 5.70 -2.22
O2 TRS F . 21.67 4.64 -4.87
O3 TRS F . 17.99 5.64 -6.60
#